data_8ACA
#
_entry.id   8ACA
#
loop_
_entity.id
_entity.type
_entity.pdbx_description
1 polymer 'DR_0644, only-Cu Superoxide Dismutase'
2 non-polymer 'COPPER (II) ION'
#
_entity_poly.entity_id   1
_entity_poly.type   'polypeptide(L)'
_entity_poly.pdbx_seq_one_letter_code
;MKKLALIALPLVLASCTMAGPTEGTYTLAPQAVVKPAGPVYAPAGTAKISETLGVTRTTITLTGMAPYAIYVAHYHKMGT
AAPMGSAPATNTNMAMSSTDATATTTASTSTTSTDTTVAASTDMTTTVTMAPVTAAPNPCNSDGPAIMESRMIAQASADG
KVTLTGIVPTALIRDAAYINVHHGRDFSGALADSGVICTPITMTMR
;
_entity_poly.pdbx_strand_id   A,B,C
#
loop_
_chem_comp.id
_chem_comp.type
_chem_comp.name
_chem_comp.formula
CU non-polymer 'COPPER (II) ION' 'Cu 2'
#
# COMPACT_ATOMS: atom_id res chain seq x y z
N GLY A 20 -5.83 4.51 40.75
CA GLY A 20 -6.02 4.27 42.19
C GLY A 20 -5.94 5.56 42.99
N PRO A 21 -5.15 5.63 44.08
CA PRO A 21 -5.09 6.84 44.93
C PRO A 21 -4.69 8.08 44.12
N THR A 22 -3.92 7.88 43.05
CA THR A 22 -3.46 9.02 42.21
C THR A 22 -4.02 8.86 40.79
N GLU A 23 -4.52 9.95 40.20
CA GLU A 23 -5.03 9.91 38.80
C GLU A 23 -4.15 10.78 37.89
N GLY A 24 -4.74 11.30 36.80
CA GLY A 24 -4.01 12.13 35.80
C GLY A 24 -4.76 12.07 34.48
N THR A 25 -4.86 13.20 33.77
CA THR A 25 -5.56 13.27 32.46
C THR A 25 -4.80 14.24 31.56
N TYR A 26 -4.32 13.79 30.40
CA TYR A 26 -3.50 14.67 29.52
C TYR A 26 -4.06 14.61 28.10
N THR A 27 -4.36 15.77 27.49
CA THR A 27 -4.84 15.82 26.09
C THR A 27 -3.64 15.68 25.16
N LEU A 28 -3.84 15.18 23.93
CA LEU A 28 -2.64 14.90 23.07
C LEU A 28 -2.21 16.09 22.21
N ALA A 29 -0.94 16.13 21.80
CA ALA A 29 -0.43 17.18 20.88
C ALA A 29 0.34 16.46 19.78
N PRO A 30 0.06 16.62 18.46
CA PRO A 30 0.75 15.83 17.42
C PRO A 30 2.16 16.30 17.03
N GLN A 31 3.01 16.64 18.00
CA GLN A 31 4.42 17.04 17.74
C GLN A 31 4.51 18.18 16.72
N ALA A 32 5.63 18.29 16.00
CA ALA A 32 5.75 19.32 14.92
C ALA A 32 6.06 18.57 13.62
N VAL A 33 7.05 17.66 13.67
CA VAL A 33 7.39 16.84 12.47
C VAL A 33 7.51 15.37 12.91
N VAL A 34 6.91 14.44 12.16
CA VAL A 34 7.05 12.99 12.47
C VAL A 34 8.00 12.39 11.44
N LYS A 35 9.01 11.64 11.87
CA LYS A 35 10.02 11.12 10.90
C LYS A 35 9.91 9.60 10.77
N PRO A 36 9.85 9.02 9.55
CA PRO A 36 9.83 7.57 9.38
C PRO A 36 11.18 6.92 9.76
N ALA A 37 11.14 5.69 10.30
CA ALA A 37 12.39 5.00 10.71
C ALA A 37 12.55 3.71 9.88
N GLY A 38 13.21 2.69 10.45
CA GLY A 38 13.47 1.44 9.70
C GLY A 38 14.45 1.56 8.57
N PRO A 39 14.42 0.65 7.57
CA PRO A 39 15.34 0.67 6.44
C PRO A 39 15.36 1.96 5.60
N VAL A 40 16.52 2.27 5.01
CA VAL A 40 16.62 3.46 4.10
C VAL A 40 16.80 2.93 2.68
N TYR A 41 15.96 3.39 1.75
CA TYR A 41 16.02 2.88 0.35
C TYR A 41 17.31 3.40 -0.31
N ALA A 42 18.44 2.71 -0.08
CA ALA A 42 19.70 3.10 -0.74
C ALA A 42 20.17 1.93 -1.62
N PRO A 43 19.61 1.65 -2.83
CA PRO A 43 20.04 0.46 -3.57
C PRO A 43 21.55 0.35 -3.85
N ALA A 44 22.15 -0.77 -3.42
CA ALA A 44 23.58 -1.06 -3.71
C ALA A 44 23.62 -2.48 -4.27
N GLY A 45 24.78 -2.99 -4.64
CA GLY A 45 24.78 -4.37 -5.12
C GLY A 45 26.16 -4.98 -5.23
N THR A 46 26.19 -6.29 -5.51
CA THR A 46 27.47 -7.02 -5.64
C THR A 46 27.28 -8.25 -6.54
N ALA A 47 27.45 -8.07 -7.86
CA ALA A 47 27.27 -9.19 -8.82
C ALA A 47 28.51 -10.10 -8.80
N LYS A 48 28.36 -11.41 -8.97
CA LYS A 48 29.51 -12.35 -9.02
C LYS A 48 29.20 -13.53 -9.94
N ILE A 49 29.69 -13.46 -11.19
CA ILE A 49 29.47 -14.55 -12.18
C ILE A 49 30.58 -15.60 -12.01
N SER A 50 30.29 -16.85 -12.38
CA SER A 50 31.30 -17.95 -12.37
C SER A 50 30.92 -18.94 -13.48
N GLU A 51 31.37 -18.71 -14.72
CA GLU A 51 30.92 -19.52 -15.88
C GLU A 51 31.67 -20.86 -15.98
N THR A 52 31.01 -21.96 -15.61
CA THR A 52 31.62 -23.31 -15.71
C THR A 52 31.42 -23.89 -17.11
N LEU A 53 31.57 -25.20 -17.27
CA LEU A 53 31.45 -25.85 -18.61
C LEU A 53 30.05 -25.64 -19.18
N GLY A 54 29.91 -24.71 -20.13
CA GLY A 54 28.60 -24.45 -20.78
C GLY A 54 27.51 -24.16 -19.77
N VAL A 55 27.83 -23.45 -18.68
CA VAL A 55 26.84 -23.10 -17.63
C VAL A 55 27.37 -21.86 -16.90
N THR A 56 26.47 -21.05 -16.31
CA THR A 56 26.91 -19.79 -15.65
C THR A 56 26.10 -19.60 -14.36
N ARG A 57 26.78 -19.49 -13.22
CA ARG A 57 26.09 -19.24 -11.93
C ARG A 57 26.25 -17.76 -11.60
N THR A 58 25.23 -17.11 -11.05
CA THR A 58 25.27 -15.65 -10.80
C THR A 58 24.68 -15.31 -9.42
N THR A 59 25.54 -15.06 -8.44
CA THR A 59 25.07 -14.74 -7.06
C THR A 59 25.23 -13.25 -6.82
N ILE A 60 24.10 -12.51 -6.81
CA ILE A 60 24.08 -11.02 -6.67
C ILE A 60 23.46 -10.63 -5.34
N THR A 61 24.27 -9.89 -4.50
CA THR A 61 23.80 -9.50 -3.15
C THR A 61 23.47 -8.01 -3.12
N LEU A 62 22.09 -7.74 -2.96
CA LEU A 62 21.60 -6.35 -2.97
C LEU A 62 21.25 -5.94 -1.54
N THR A 63 21.98 -4.86 -1.02
CA THR A 63 21.65 -4.42 0.36
C THR A 63 21.08 -3.01 0.28
N GLY A 64 20.21 -2.66 1.23
CA GLY A 64 19.65 -1.30 1.27
C GLY A 64 18.45 -1.19 0.36
N MET A 65 17.76 -2.31 0.12
CA MET A 65 16.65 -2.35 -0.86
C MET A 65 15.34 -2.06 -0.12
N ALA A 66 14.20 -2.43 -0.73
CA ALA A 66 12.87 -2.18 -0.13
C ALA A 66 12.53 -3.29 0.84
N PRO A 67 12.10 -3.02 2.08
CA PRO A 67 11.94 -4.07 3.10
C PRO A 67 11.44 -5.46 2.68
N TYR A 68 10.22 -5.64 2.16
CA TYR A 68 9.83 -7.03 1.78
C TYR A 68 9.37 -7.06 0.33
N ALA A 69 10.22 -6.64 -0.60
CA ALA A 69 9.84 -6.56 -2.03
C ALA A 69 10.43 -7.72 -2.84
N ILE A 70 9.83 -7.88 -4.10
CA ILE A 70 10.31 -8.93 -5.05
C ILE A 70 11.40 -8.33 -5.94
N TYR A 71 12.50 -9.14 -6.24
CA TYR A 71 13.57 -8.53 -7.08
C TYR A 71 13.93 -9.44 -8.25
N VAL A 72 13.19 -9.35 -9.36
CA VAL A 72 13.46 -10.14 -10.59
C VAL A 72 14.69 -9.57 -11.29
N ALA A 73 15.62 -10.43 -11.70
CA ALA A 73 16.88 -9.97 -12.32
C ALA A 73 17.16 -10.78 -13.59
N HIS A 74 17.56 -10.11 -14.66
CA HIS A 74 17.84 -10.81 -15.94
C HIS A 74 19.12 -10.30 -16.56
N TYR A 75 19.49 -10.90 -17.70
CA TYR A 75 20.68 -10.47 -18.45
C TYR A 75 20.11 -9.86 -19.72
N HIS A 76 20.20 -8.54 -19.84
CA HIS A 76 19.61 -7.84 -21.02
C HIS A 76 20.68 -7.70 -22.10
N LYS A 77 20.28 -7.93 -23.35
CA LYS A 77 21.24 -7.84 -24.49
C LYS A 77 21.42 -6.37 -24.88
N MET A 78 22.50 -6.07 -25.59
CA MET A 78 22.79 -4.69 -26.06
C MET A 78 21.79 -4.36 -27.17
N GLY A 79 21.33 -3.10 -27.22
CA GLY A 79 20.33 -2.69 -28.25
C GLY A 79 19.21 -1.88 -27.63
N SER A 142 21.53 -0.05 -20.01
CA SER A 142 21.06 0.71 -21.20
C SER A 142 19.73 0.14 -21.68
N ASP A 143 19.51 0.08 -23.00
CA ASP A 143 18.27 -0.50 -23.56
C ASP A 143 18.62 -1.85 -24.20
N GLY A 144 17.60 -2.72 -24.32
CA GLY A 144 17.73 -3.95 -25.11
C GLY A 144 16.99 -5.14 -24.53
N PRO A 145 16.85 -6.26 -25.27
CA PRO A 145 15.95 -7.34 -24.83
C PRO A 145 16.49 -8.23 -23.71
N ALA A 146 15.63 -8.58 -22.74
CA ALA A 146 16.03 -9.46 -21.63
C ALA A 146 16.19 -10.90 -22.09
N ILE A 147 17.30 -11.55 -21.74
CA ILE A 147 17.39 -13.02 -22.00
C ILE A 147 16.46 -13.55 -20.91
N MET A 148 15.26 -13.96 -21.27
CA MET A 148 14.27 -14.31 -20.23
C MET A 148 14.66 -15.61 -19.53
N GLU A 149 15.53 -16.39 -20.17
CA GLU A 149 15.91 -17.71 -19.60
C GLU A 149 17.05 -17.53 -18.60
N SER A 150 17.16 -16.35 -18.02
CA SER A 150 18.20 -16.06 -17.01
C SER A 150 17.54 -15.36 -15.82
N ARG A 151 16.22 -15.49 -15.67
CA ARG A 151 15.51 -14.78 -14.59
C ARG A 151 15.94 -15.31 -13.23
N MET A 152 16.16 -14.41 -12.25
CA MET A 152 16.45 -14.84 -10.87
C MET A 152 15.48 -14.04 -9.99
N ILE A 153 14.75 -14.69 -9.08
CA ILE A 153 13.72 -13.96 -8.29
C ILE A 153 13.97 -14.20 -6.80
N ALA A 154 13.72 -13.20 -5.95
CA ALA A 154 13.83 -13.41 -4.48
C ALA A 154 13.15 -12.27 -3.71
N GLN A 155 13.01 -12.41 -2.38
CA GLN A 155 12.41 -11.33 -1.54
C GLN A 155 13.51 -10.65 -0.73
N ALA A 156 13.28 -9.42 -0.26
CA ALA A 156 14.37 -8.66 0.41
C ALA A 156 14.29 -8.72 1.94
N SER A 157 13.92 -9.86 2.54
CA SER A 157 13.91 -10.00 4.02
C SER A 157 13.04 -8.92 4.66
N ALA A 158 13.60 -8.08 5.55
CA ALA A 158 12.79 -7.06 6.26
C ALA A 158 13.61 -5.77 6.45
N ASP A 159 14.88 -5.83 6.05
CA ASP A 159 15.76 -4.65 6.12
C ASP A 159 16.17 -4.31 4.68
N GLY A 160 15.77 -5.14 3.70
CA GLY A 160 16.11 -4.74 2.34
C GLY A 160 17.32 -5.50 1.86
N LYS A 161 17.49 -6.73 2.31
CA LYS A 161 18.64 -7.57 1.90
C LYS A 161 18.12 -8.68 1.01
N VAL A 162 18.31 -8.70 -0.23
CA VAL A 162 17.83 -9.77 -1.14
C VAL A 162 19.05 -10.41 -1.80
N THR A 163 19.11 -11.66 -1.93
CA THR A 163 20.21 -12.43 -2.59
C THR A 163 19.65 -13.18 -3.81
N LEU A 164 20.18 -12.88 -5.00
CA LEU A 164 19.69 -13.51 -6.26
C LEU A 164 20.70 -14.54 -6.77
N THR A 165 20.29 -15.81 -6.90
CA THR A 165 21.19 -16.85 -7.46
C THR A 165 20.52 -17.45 -8.70
N GLY A 166 21.31 -18.01 -9.63
CA GLY A 166 20.75 -18.54 -10.88
C GLY A 166 21.74 -19.41 -11.62
N ILE A 167 21.31 -20.11 -12.66
CA ILE A 167 22.20 -20.99 -13.45
C ILE A 167 21.70 -21.01 -14.90
N VAL A 168 22.54 -20.56 -15.85
CA VAL A 168 22.08 -20.45 -17.27
C VAL A 168 23.21 -20.92 -18.21
N PRO A 169 22.97 -21.74 -19.27
CA PRO A 169 24.06 -22.09 -20.18
C PRO A 169 24.77 -20.84 -20.72
N THR A 170 26.09 -20.88 -20.86
CA THR A 170 26.87 -19.70 -21.31
C THR A 170 26.63 -19.45 -22.79
N ALA A 171 26.02 -20.40 -23.48
CA ALA A 171 25.67 -20.20 -24.91
C ALA A 171 24.48 -19.24 -25.01
N LEU A 172 23.52 -19.25 -24.24
CA LEU A 172 22.33 -18.35 -24.37
C LEU A 172 22.72 -16.91 -24.00
N ILE A 173 23.57 -16.73 -22.99
CA ILE A 173 23.92 -15.35 -22.53
C ILE A 173 25.21 -14.90 -23.23
N ARG A 174 25.41 -15.30 -24.48
CA ARG A 174 26.68 -14.97 -25.19
C ARG A 174 26.62 -13.51 -25.66
N ASP A 175 25.42 -12.92 -25.67
CA ASP A 175 25.26 -11.53 -26.18
C ASP A 175 24.71 -10.64 -25.06
N ALA A 176 24.71 -11.11 -23.81
CA ALA A 176 24.25 -10.27 -22.69
C ALA A 176 25.24 -9.12 -22.55
N ALA A 177 24.74 -7.90 -22.30
CA ALA A 177 25.63 -6.75 -22.19
C ALA A 177 25.51 -6.19 -20.78
N TYR A 178 24.42 -6.53 -20.11
CA TYR A 178 24.18 -5.93 -18.78
C TYR A 178 23.27 -6.85 -17.96
N ILE A 179 23.39 -6.82 -16.64
CA ILE A 179 22.49 -7.62 -15.76
C ILE A 179 21.55 -6.63 -15.07
N ASN A 180 20.34 -6.44 -15.59
CA ASN A 180 19.40 -5.43 -15.04
C ASN A 180 18.55 -6.05 -13.91
N VAL A 181 18.57 -5.42 -12.72
CA VAL A 181 17.73 -5.89 -11.58
C VAL A 181 16.46 -5.04 -11.63
N HIS A 182 15.30 -5.69 -11.59
CA HIS A 182 14.00 -4.95 -11.63
C HIS A 182 13.23 -5.30 -10.36
N HIS A 183 12.07 -4.67 -10.16
CA HIS A 183 11.22 -5.06 -9.01
C HIS A 183 10.23 -6.06 -9.56
N GLY A 184 9.58 -6.87 -8.71
CA GLY A 184 8.59 -7.82 -9.27
C GLY A 184 7.16 -7.51 -8.87
N ARG A 185 6.20 -7.92 -9.70
CA ARG A 185 4.76 -7.76 -9.36
C ARG A 185 4.37 -8.96 -8.50
N ASP A 186 4.91 -10.16 -8.78
CA ASP A 186 4.47 -11.39 -8.04
C ASP A 186 5.56 -12.48 -8.02
N PHE A 187 5.32 -13.61 -7.32
CA PHE A 187 6.28 -14.75 -7.32
C PHE A 187 6.29 -15.40 -8.71
N SER A 188 7.42 -15.32 -9.43
CA SER A 188 7.53 -15.84 -10.83
C SER A 188 6.55 -15.09 -11.74
N GLY A 189 6.92 -13.88 -12.20
CA GLY A 189 6.00 -13.07 -13.00
C GLY A 189 6.62 -11.85 -13.64
N ALA A 190 5.78 -10.88 -14.01
CA ALA A 190 6.24 -9.71 -14.77
C ALA A 190 6.91 -8.65 -13.90
N LEU A 191 7.41 -7.59 -14.55
CA LEU A 191 8.16 -6.55 -13.82
C LEU A 191 7.22 -5.44 -13.36
N ALA A 192 7.63 -4.70 -12.33
CA ALA A 192 6.83 -3.55 -11.85
C ALA A 192 7.61 -2.30 -12.19
N ASP A 193 8.89 -2.48 -12.54
CA ASP A 193 9.77 -1.33 -12.84
C ASP A 193 10.35 -1.61 -14.20
N SER A 194 11.34 -0.83 -14.61
CA SER A 194 12.07 -1.14 -15.87
C SER A 194 13.55 -1.07 -15.60
N GLY A 195 13.99 -1.51 -14.41
CA GLY A 195 15.41 -1.49 -14.05
C GLY A 195 15.70 -0.56 -12.90
N VAL A 196 15.92 -1.07 -11.69
CA VAL A 196 16.28 -0.20 -10.53
C VAL A 196 17.81 -0.06 -10.46
N ILE A 197 18.54 -1.19 -10.49
CA ILE A 197 20.02 -1.15 -10.43
C ILE A 197 20.57 -2.03 -11.56
N CYS A 198 21.68 -1.62 -12.18
CA CYS A 198 22.25 -2.35 -13.35
C CYS A 198 23.78 -2.32 -13.30
N THR A 199 24.43 -3.44 -13.67
CA THR A 199 25.91 -3.49 -13.72
C THR A 199 26.33 -3.76 -15.17
N PRO A 200 27.35 -3.10 -15.79
CA PRO A 200 27.72 -3.43 -17.17
C PRO A 200 28.67 -4.65 -17.26
N ILE A 201 28.41 -5.55 -18.20
CA ILE A 201 29.30 -6.74 -18.40
C ILE A 201 29.85 -6.71 -19.83
N GLY B 20 39.23 -22.45 -11.36
CA GLY B 20 38.55 -23.33 -12.33
C GLY B 20 37.84 -22.53 -13.41
N PRO B 21 36.55 -22.21 -13.24
CA PRO B 21 35.82 -21.48 -14.26
C PRO B 21 36.13 -19.98 -14.15
N THR B 22 35.95 -19.25 -15.25
CA THR B 22 36.22 -17.78 -15.21
C THR B 22 35.23 -17.13 -14.24
N GLU B 23 35.73 -16.29 -13.33
CA GLU B 23 34.86 -15.61 -12.33
C GLU B 23 34.47 -14.21 -12.81
N GLY B 24 34.12 -13.32 -11.88
CA GLY B 24 33.67 -11.95 -12.22
C GLY B 24 33.12 -11.29 -10.97
N THR B 25 33.17 -10.10 -10.68
CA THR B 25 32.61 -9.51 -9.43
C THR B 25 32.43 -7.99 -9.63
N TYR B 26 31.50 -7.63 -10.51
CA TYR B 26 31.22 -6.21 -10.83
C TYR B 26 30.47 -5.55 -9.67
N THR B 27 30.81 -4.29 -9.36
CA THR B 27 30.01 -3.54 -8.36
C THR B 27 28.78 -3.00 -9.09
N LEU B 28 27.64 -2.82 -8.40
CA LEU B 28 26.39 -2.40 -9.09
C LEU B 28 26.31 -0.87 -9.11
N ALA B 29 25.35 -0.32 -9.87
CA ALA B 29 25.24 1.17 -9.99
C ALA B 29 23.76 1.59 -10.05
N PRO B 30 23.16 2.43 -9.14
CA PRO B 30 21.75 2.80 -9.31
C PRO B 30 21.42 3.47 -10.65
N GLN B 31 20.29 3.14 -11.25
CA GLN B 31 19.85 3.80 -12.50
C GLN B 31 19.08 5.07 -12.13
N ALA B 32 19.09 6.08 -12.99
CA ALA B 32 18.41 7.36 -12.69
C ALA B 32 16.94 7.27 -13.08
N VAL B 33 16.50 7.04 -14.22
CA VAL B 33 15.05 7.16 -14.52
C VAL B 33 14.37 5.79 -14.31
N VAL B 34 14.16 5.37 -13.05
CA VAL B 34 13.46 4.09 -12.76
C VAL B 34 11.99 4.26 -13.12
N LYS B 35 11.67 4.31 -14.41
CA LYS B 35 10.27 4.56 -14.87
C LYS B 35 9.33 3.43 -14.43
N PRO B 36 8.05 3.75 -14.09
CA PRO B 36 7.06 2.74 -13.75
C PRO B 36 6.77 1.85 -14.96
N ALA B 37 6.43 0.59 -14.71
CA ALA B 37 6.07 -0.31 -15.83
C ALA B 37 4.67 -0.86 -15.58
N GLY B 38 4.33 -1.99 -16.19
CA GLY B 38 3.04 -2.63 -15.90
C GLY B 38 1.84 -1.90 -16.48
N PRO B 39 0.62 -2.15 -16.21
CA PRO B 39 -0.52 -1.55 -16.93
C PRO B 39 -0.62 -0.04 -16.66
N VAL B 40 -1.59 0.63 -17.17
CA VAL B 40 -1.65 2.13 -17.24
C VAL B 40 -3.03 2.60 -16.78
N TYR B 41 -3.07 3.67 -15.98
CA TYR B 41 -4.33 4.13 -15.36
C TYR B 41 -4.99 5.16 -16.27
N ALA B 42 -6.00 4.75 -17.03
CA ALA B 42 -6.74 5.71 -17.89
C ALA B 42 -8.24 5.37 -17.82
N PRO B 43 -9.04 5.67 -16.76
CA PRO B 43 -10.44 5.23 -16.77
C PRO B 43 -11.24 5.42 -18.07
N ALA B 44 -11.61 4.33 -18.73
CA ALA B 44 -12.46 4.41 -19.94
C ALA B 44 -13.65 3.48 -19.68
N GLY B 45 -14.66 3.46 -20.54
CA GLY B 45 -15.76 2.50 -20.34
C GLY B 45 -16.96 2.71 -21.24
N THR B 46 -17.85 1.71 -21.32
CA THR B 46 -19.09 1.81 -22.12
C THR B 46 -20.21 1.16 -21.32
N ALA B 47 -21.32 1.86 -21.08
CA ALA B 47 -22.42 1.32 -20.26
C ALA B 47 -23.49 0.66 -21.14
N LYS B 48 -24.36 -0.15 -20.55
CA LYS B 48 -25.45 -0.83 -21.31
C LYS B 48 -26.73 -0.85 -20.46
N ILE B 49 -27.60 0.14 -20.63
CA ILE B 49 -28.83 0.24 -19.78
C ILE B 49 -29.99 -0.53 -20.45
N SER B 50 -29.81 -1.83 -20.64
CA SER B 50 -30.89 -2.68 -21.21
C SER B 50 -32.11 -2.66 -20.28
N GLU B 51 -33.31 -2.38 -20.80
CA GLU B 51 -34.52 -2.37 -19.94
C GLU B 51 -35.58 -3.33 -20.52
N THR B 52 -36.28 -4.08 -19.66
CA THR B 52 -37.24 -5.10 -20.18
C THR B 52 -38.66 -4.78 -19.70
N LEU B 53 -39.34 -5.76 -19.10
CA LEU B 53 -40.73 -5.57 -18.64
C LEU B 53 -40.76 -4.50 -17.53
N GLY B 54 -40.16 -4.80 -16.37
CA GLY B 54 -40.14 -3.85 -15.25
C GLY B 54 -38.84 -3.94 -14.47
N VAL B 55 -37.84 -4.56 -14.91
CA VAL B 55 -36.52 -4.62 -14.22
C VAL B 55 -35.47 -4.06 -15.17
N THR B 56 -34.29 -3.68 -14.66
CA THR B 56 -33.26 -3.04 -15.52
C THR B 56 -31.88 -3.67 -15.26
N ARG B 57 -31.36 -4.45 -16.21
CA ARG B 57 -29.99 -4.98 -16.06
C ARG B 57 -29.00 -4.01 -16.71
N THR B 58 -27.94 -3.66 -16.01
CA THR B 58 -27.00 -2.65 -16.55
C THR B 58 -25.57 -3.19 -16.55
N THR B 59 -24.94 -3.24 -17.71
CA THR B 59 -23.57 -3.82 -17.82
C THR B 59 -22.56 -2.70 -18.08
N ILE B 60 -22.00 -2.11 -17.03
CA ILE B 60 -20.91 -1.10 -17.22
C ILE B 60 -19.59 -1.84 -17.34
N THR B 61 -19.06 -1.95 -18.57
CA THR B 61 -17.74 -2.60 -18.77
C THR B 61 -16.65 -1.51 -18.76
N LEU B 62 -15.74 -1.56 -17.79
CA LEU B 62 -14.69 -0.52 -17.69
C LEU B 62 -13.33 -1.13 -18.02
N THR B 63 -12.39 -0.31 -18.52
CA THR B 63 -11.06 -0.80 -18.94
C THR B 63 -10.01 0.26 -18.62
N GLY B 64 -8.74 -0.13 -18.54
CA GLY B 64 -7.67 0.82 -18.18
C GLY B 64 -7.87 1.33 -16.76
N MET B 65 -8.39 0.49 -15.87
CA MET B 65 -8.67 0.91 -14.47
C MET B 65 -7.52 0.49 -13.57
N ALA B 66 -7.75 0.31 -12.27
CA ALA B 66 -6.63 0.00 -11.35
C ALA B 66 -6.47 -1.53 -11.22
N PRO B 67 -5.26 -2.13 -11.27
CA PRO B 67 -5.14 -3.58 -11.45
C PRO B 67 -6.11 -4.43 -10.62
N TYR B 68 -6.03 -4.45 -9.27
CA TYR B 68 -6.90 -5.35 -8.49
C TYR B 68 -7.83 -4.58 -7.55
N ALA B 69 -8.51 -3.55 -8.01
CA ALA B 69 -9.32 -2.72 -7.08
C ALA B 69 -10.80 -3.07 -7.14
N ILE B 70 -11.57 -2.62 -6.15
CA ILE B 70 -13.04 -2.84 -6.13
C ILE B 70 -13.68 -1.62 -6.78
N TYR B 71 -14.76 -1.81 -7.55
CA TYR B 71 -15.38 -0.68 -8.28
C TYR B 71 -16.88 -0.67 -8.02
N VAL B 72 -17.30 -0.11 -6.89
CA VAL B 72 -18.76 -0.03 -6.56
C VAL B 72 -19.40 1.08 -7.41
N ALA B 73 -20.39 0.71 -8.23
CA ALA B 73 -21.07 1.68 -9.10
C ALA B 73 -22.59 1.60 -8.87
N HIS B 74 -23.24 2.77 -8.74
CA HIS B 74 -24.71 2.80 -8.54
C HIS B 74 -25.30 3.97 -9.33
N TYR B 75 -26.53 4.37 -9.02
CA TYR B 75 -27.24 5.44 -9.77
C TYR B 75 -27.45 6.64 -8.84
N HIS B 76 -26.74 7.74 -9.10
CA HIS B 76 -26.89 8.94 -8.24
C HIS B 76 -28.00 9.82 -8.80
N LYS B 77 -28.95 10.20 -7.95
CA LYS B 77 -30.12 11.00 -8.40
C LYS B 77 -29.72 12.45 -8.66
N MET B 78 -30.58 13.23 -9.30
CA MET B 78 -30.28 14.66 -9.58
C MET B 78 -30.20 15.41 -8.24
N GLY B 79 -29.05 16.06 -7.97
CA GLY B 79 -28.87 16.80 -6.71
C GLY B 79 -27.60 17.63 -6.72
N SER B 142 -22.45 17.49 -9.66
CA SER B 142 -23.85 17.54 -9.18
C SER B 142 -24.05 16.52 -8.05
N ASP B 143 -23.11 16.45 -7.12
CA ASP B 143 -23.17 15.46 -6.01
C ASP B 143 -24.60 15.40 -5.44
N GLY B 144 -25.31 14.29 -5.66
CA GLY B 144 -26.68 14.14 -5.15
C GLY B 144 -26.83 12.85 -4.35
N PRO B 145 -28.05 12.48 -3.91
CA PRO B 145 -28.26 11.21 -3.20
C PRO B 145 -28.11 10.01 -4.16
N ALA B 146 -27.90 8.81 -3.61
CA ALA B 146 -27.70 7.62 -4.48
C ALA B 146 -28.76 6.55 -4.18
N ILE B 147 -29.50 6.12 -5.21
CA ILE B 147 -30.42 4.96 -5.04
C ILE B 147 -29.46 3.80 -4.80
N MET B 148 -29.21 3.48 -3.54
CA MET B 148 -28.16 2.48 -3.23
C MET B 148 -28.64 1.10 -3.68
N GLU B 149 -29.91 1.00 -4.05
CA GLU B 149 -30.50 -0.32 -4.36
C GLU B 149 -30.13 -0.69 -5.80
N SER B 150 -29.00 -0.15 -6.28
CA SER B 150 -28.47 -0.50 -7.61
C SER B 150 -26.96 -0.71 -7.46
N ARG B 151 -26.50 -0.84 -6.21
CA ARG B 151 -25.07 -1.10 -5.99
C ARG B 151 -24.72 -2.34 -6.82
N MET B 152 -23.62 -2.26 -7.55
CA MET B 152 -22.93 -3.43 -8.17
C MET B 152 -21.48 -3.49 -7.67
N ILE B 153 -21.09 -4.42 -6.96
CA ILE B 153 -19.69 -4.49 -6.47
C ILE B 153 -19.05 -5.69 -7.17
N ALA B 154 -17.93 -5.55 -7.69
CA ALA B 154 -17.07 -6.57 -8.34
C ALA B 154 -15.63 -6.04 -8.40
N GLN B 155 -14.64 -6.88 -8.68
CA GLN B 155 -13.21 -6.48 -8.62
C GLN B 155 -12.64 -6.35 -10.03
N ALA B 156 -11.47 -5.74 -10.16
CA ALA B 156 -11.00 -5.19 -11.45
C ALA B 156 -10.01 -6.11 -12.17
N SER B 157 -10.19 -7.43 -12.08
CA SER B 157 -9.33 -8.36 -12.84
C SER B 157 -7.86 -8.07 -12.55
N ALA B 158 -7.01 -8.01 -13.56
CA ALA B 158 -5.57 -7.85 -13.29
C ALA B 158 -4.96 -6.78 -14.20
N ASP B 159 -5.74 -6.26 -15.14
CA ASP B 159 -5.24 -5.18 -16.03
C ASP B 159 -6.24 -4.03 -15.98
N GLY B 160 -7.16 -4.07 -15.02
CA GLY B 160 -8.20 -3.04 -14.93
C GLY B 160 -9.34 -3.36 -15.87
N LYS B 161 -9.82 -4.60 -15.82
CA LYS B 161 -10.97 -4.99 -16.67
C LYS B 161 -12.14 -5.26 -15.71
N VAL B 162 -12.69 -4.20 -15.13
CA VAL B 162 -13.85 -4.37 -14.20
C VAL B 162 -15.14 -4.41 -15.01
N THR B 163 -16.00 -5.40 -14.74
CA THR B 163 -17.27 -5.60 -15.48
C THR B 163 -18.40 -5.63 -14.45
N LEU B 164 -19.17 -4.48 -14.37
CA LEU B 164 -20.23 -4.39 -13.32
C LEU B 164 -21.57 -4.79 -13.93
N THR B 165 -22.41 -5.48 -13.16
CA THR B 165 -23.78 -5.84 -13.65
C THR B 165 -24.75 -5.78 -12.47
N GLY B 166 -26.05 -5.66 -12.74
CA GLY B 166 -27.04 -5.54 -11.65
C GLY B 166 -28.45 -5.30 -12.14
N ILE B 167 -29.43 -5.89 -11.40
CA ILE B 167 -30.87 -5.73 -11.77
C ILE B 167 -31.52 -4.79 -10.75
N VAL B 168 -32.40 -3.90 -11.23
CA VAL B 168 -33.10 -2.96 -10.32
C VAL B 168 -34.49 -2.64 -10.91
N PRO B 169 -35.63 -2.77 -10.17
CA PRO B 169 -36.94 -2.42 -10.70
C PRO B 169 -36.88 -0.97 -11.19
N THR B 170 -37.47 -0.72 -12.37
CA THR B 170 -37.46 0.63 -13.00
C THR B 170 -38.08 1.65 -12.04
N ALA B 171 -39.07 1.22 -11.25
CA ALA B 171 -39.78 2.14 -10.32
C ALA B 171 -38.76 2.78 -9.37
N LEU B 172 -37.85 1.98 -8.81
CA LEU B 172 -36.82 2.54 -7.90
C LEU B 172 -35.93 3.52 -8.68
N ILE B 173 -35.55 3.17 -9.91
CA ILE B 173 -34.59 3.98 -10.72
C ILE B 173 -35.08 5.43 -10.91
N ARG B 174 -36.39 5.66 -11.10
CA ARG B 174 -36.94 7.02 -11.41
C ARG B 174 -36.15 8.18 -10.78
N ASP B 175 -35.89 9.24 -11.57
CA ASP B 175 -35.21 10.48 -11.09
C ASP B 175 -33.69 10.26 -10.99
N ALA B 176 -33.19 9.10 -11.42
CA ALA B 176 -31.74 8.92 -11.45
C ALA B 176 -31.22 9.67 -12.67
N ALA B 177 -30.08 10.36 -12.55
CA ALA B 177 -29.64 11.22 -13.67
C ALA B 177 -28.28 10.77 -14.20
N TYR B 178 -27.47 10.11 -13.37
CA TYR B 178 -26.10 9.74 -13.79
C TYR B 178 -25.62 8.51 -13.02
N ILE B 179 -25.05 7.53 -13.74
CA ILE B 179 -24.52 6.29 -13.11
C ILE B 179 -23.07 6.56 -12.71
N ASN B 180 -22.82 6.83 -11.42
CA ASN B 180 -21.45 7.16 -10.96
C ASN B 180 -20.72 5.87 -10.62
N VAL B 181 -19.47 5.73 -11.06
CA VAL B 181 -18.60 4.59 -10.67
C VAL B 181 -17.59 5.09 -9.65
N HIS B 182 -17.52 4.46 -8.49
CA HIS B 182 -16.58 4.87 -7.43
C HIS B 182 -15.58 3.75 -7.18
N HIS B 183 -14.60 3.97 -6.31
CA HIS B 183 -13.71 2.84 -5.94
C HIS B 183 -14.35 2.27 -4.67
N GLY B 184 -13.98 1.07 -4.24
CA GLY B 184 -14.54 0.57 -2.99
C GLY B 184 -13.50 0.39 -1.90
N ARG B 185 -13.92 0.14 -0.66
CA ARG B 185 -12.94 -0.16 0.42
C ARG B 185 -12.99 -1.67 0.68
N ASP B 186 -14.04 -2.34 0.20
CA ASP B 186 -14.24 -3.81 0.42
C ASP B 186 -15.43 -4.28 -0.41
N PHE B 187 -15.69 -5.55 -0.51
CA PHE B 187 -16.77 -6.10 -1.36
C PHE B 187 -18.09 -5.89 -0.63
N SER B 188 -18.05 -5.23 0.53
CA SER B 188 -19.29 -4.97 1.29
C SER B 188 -19.75 -3.55 1.04
N GLY B 189 -19.70 -3.10 -0.22
CA GLY B 189 -20.05 -1.71 -0.54
C GLY B 189 -18.98 -0.73 -0.11
N ALA B 190 -19.33 0.28 0.70
CA ALA B 190 -18.37 1.31 1.19
C ALA B 190 -17.92 2.25 0.07
N LEU B 191 -17.45 3.45 0.44
CA LEU B 191 -17.04 4.44 -0.59
C LEU B 191 -15.60 4.91 -0.30
N ALA B 192 -14.71 4.76 -1.27
CA ALA B 192 -13.31 5.24 -1.13
C ALA B 192 -13.13 6.52 -1.95
N ASP B 193 -13.32 6.44 -3.26
CA ASP B 193 -13.16 7.62 -4.15
C ASP B 193 -14.58 8.08 -4.48
N SER B 194 -14.80 9.35 -4.76
CA SER B 194 -16.20 9.80 -4.99
C SER B 194 -16.41 10.18 -6.46
N GLY B 195 -16.26 9.22 -7.37
CA GLY B 195 -16.55 9.50 -8.79
C GLY B 195 -15.33 9.38 -9.69
N VAL B 196 -14.94 8.16 -10.02
CA VAL B 196 -13.77 7.94 -10.91
C VAL B 196 -14.22 8.04 -12.36
N ILE B 197 -15.43 7.62 -12.67
CA ILE B 197 -15.96 7.67 -14.07
C ILE B 197 -17.47 7.78 -13.97
N CYS B 198 -18.13 8.43 -14.94
CA CYS B 198 -19.59 8.63 -14.83
C CYS B 198 -20.17 9.07 -16.18
N THR B 199 -21.47 8.82 -16.38
CA THR B 199 -22.17 9.24 -17.64
C THR B 199 -23.61 9.63 -17.35
N PRO B 200 -24.21 10.58 -18.12
CA PRO B 200 -25.63 10.90 -17.96
C PRO B 200 -26.54 9.78 -18.46
N ILE B 201 -27.41 9.29 -17.56
CA ILE B 201 -28.37 8.19 -17.86
C ILE B 201 -27.59 6.86 -17.96
N GLY C 20 -39.90 -5.78 -26.17
CA GLY C 20 -39.38 -4.39 -26.26
C GLY C 20 -38.28 -4.14 -25.24
N PRO C 21 -37.02 -4.58 -25.51
CA PRO C 21 -35.91 -4.41 -24.59
C PRO C 21 -35.27 -3.03 -24.78
N THR C 22 -35.92 -1.99 -24.26
CA THR C 22 -35.38 -0.61 -24.40
C THR C 22 -33.91 -0.58 -23.94
N GLU C 23 -32.97 -0.42 -24.87
CA GLU C 23 -31.53 -0.48 -24.50
C GLU C 23 -30.81 0.81 -24.91
N GLY C 24 -30.11 1.45 -23.97
CA GLY C 24 -29.31 2.65 -24.30
C GLY C 24 -27.85 2.44 -23.96
N THR C 25 -26.95 2.72 -24.92
CA THR C 25 -25.49 2.52 -24.70
C THR C 25 -24.82 3.89 -24.57
N TYR C 26 -24.16 4.14 -23.43
CA TYR C 26 -23.56 5.49 -23.19
C TYR C 26 -22.07 5.34 -22.83
N THR C 27 -21.20 6.07 -23.52
CA THR C 27 -19.76 6.06 -23.14
C THR C 27 -19.60 6.94 -21.90
N LEU C 28 -18.75 6.54 -20.95
CA LEU C 28 -18.66 7.30 -19.68
C LEU C 28 -17.44 8.24 -19.73
N ALA C 29 -17.52 9.41 -19.09
CA ALA C 29 -16.43 10.40 -19.10
C ALA C 29 -15.47 10.11 -17.95
N PRO C 30 -14.15 10.40 -18.07
CA PRO C 30 -13.19 10.05 -17.01
C PRO C 30 -13.22 10.92 -15.75
N GLN C 31 -14.24 11.77 -15.58
CA GLN C 31 -14.37 12.57 -14.33
C GLN C 31 -13.17 13.51 -14.14
N ALA C 32 -13.15 14.26 -13.03
CA ALA C 32 -12.04 15.21 -12.75
C ALA C 32 -11.96 15.43 -11.23
N VAL C 33 -13.06 15.21 -10.51
CA VAL C 33 -13.08 15.43 -9.03
C VAL C 33 -13.03 14.06 -8.33
N VAL C 34 -11.88 13.70 -7.76
CA VAL C 34 -11.74 12.35 -7.14
C VAL C 34 -11.31 12.51 -5.68
N LYS C 35 -11.96 13.40 -4.94
CA LYS C 35 -11.63 13.61 -3.51
C LYS C 35 -12.01 12.34 -2.72
N PRO C 36 -11.27 11.97 -1.67
CA PRO C 36 -11.53 10.73 -0.93
C PRO C 36 -12.86 10.68 -0.16
N ALA C 37 -13.16 9.54 0.45
CA ALA C 37 -14.40 9.42 1.25
C ALA C 37 -14.14 8.43 2.40
N GLY C 38 -13.74 8.93 3.57
CA GLY C 38 -13.52 8.05 4.74
C GLY C 38 -12.77 8.77 5.83
N PRO C 39 -12.25 8.06 6.86
CA PRO C 39 -11.56 8.69 7.98
C PRO C 39 -10.54 9.78 7.62
N VAL C 40 -10.71 10.98 8.17
CA VAL C 40 -9.72 12.07 7.94
C VAL C 40 -8.61 11.91 8.97
N TYR C 41 -7.36 11.69 8.52
CA TYR C 41 -6.21 11.52 9.43
C TYR C 41 -5.98 12.83 10.18
N ALA C 42 -6.63 13.00 11.34
CA ALA C 42 -6.46 14.22 12.15
C ALA C 42 -6.14 13.80 13.58
N PRO C 43 -4.89 13.40 13.89
CA PRO C 43 -4.57 12.85 15.20
C PRO C 43 -5.01 13.73 16.38
N ALA C 44 -5.67 13.12 17.38
CA ALA C 44 -6.13 13.84 18.58
C ALA C 44 -6.52 12.81 19.65
N GLY C 45 -6.41 13.16 20.94
CA GLY C 45 -6.85 12.26 22.01
C GLY C 45 -6.51 12.78 23.40
N THR C 46 -6.52 11.89 24.41
CA THR C 46 -6.23 12.21 25.84
C THR C 46 -5.46 11.07 26.52
N ALA C 47 -4.97 11.25 27.77
CA ALA C 47 -4.29 10.16 28.50
C ALA C 47 -4.78 10.14 29.96
N LYS C 48 -4.89 8.94 30.55
CA LYS C 48 -5.33 8.80 31.97
C LYS C 48 -4.35 7.90 32.70
N ILE C 49 -3.23 8.46 33.18
CA ILE C 49 -2.23 7.66 33.97
C ILE C 49 -2.66 7.58 35.43
N SER C 50 -2.89 6.37 35.93
CA SER C 50 -3.53 6.24 37.27
C SER C 50 -2.66 5.36 38.16
N GLU C 51 -2.14 5.93 39.25
CA GLU C 51 -1.22 5.17 40.16
C GLU C 51 -2.05 4.59 41.32
N THR C 52 -1.69 3.38 41.74
CA THR C 52 -2.42 2.73 42.85
C THR C 52 -1.43 2.39 43.97
N LEU C 53 -0.99 1.15 44.03
CA LEU C 53 -0.07 0.62 45.07
C LEU C 53 1.24 0.21 44.39
N GLY C 54 1.91 1.16 43.73
CA GLY C 54 3.22 0.85 43.10
C GLY C 54 3.07 0.39 41.66
N VAL C 55 1.88 0.49 41.08
CA VAL C 55 1.69 0.12 39.64
C VAL C 55 1.00 1.27 38.91
N THR C 56 1.25 1.42 37.61
CA THR C 56 0.63 2.52 36.83
C THR C 56 -0.18 1.97 35.66
N ARG C 57 -1.46 2.37 35.53
CA ARG C 57 -2.30 1.92 34.40
C ARG C 57 -2.60 3.12 33.50
N THR C 58 -2.11 3.09 32.26
CA THR C 58 -2.21 4.21 31.29
C THR C 58 -3.23 3.91 30.19
N THR C 59 -4.19 4.80 29.95
CA THR C 59 -5.20 4.55 28.90
C THR C 59 -5.20 5.72 27.91
N ILE C 60 -4.67 5.50 26.69
CA ILE C 60 -4.63 6.59 25.67
C ILE C 60 -5.69 6.31 24.61
N THR C 61 -6.86 6.94 24.75
CA THR C 61 -7.94 6.79 23.73
C THR C 61 -7.73 7.85 22.64
N LEU C 62 -7.47 7.41 21.41
CA LEU C 62 -7.19 8.35 20.30
C LEU C 62 -8.31 8.28 19.26
N THR C 63 -8.60 9.38 18.58
CA THR C 63 -9.62 9.38 17.50
C THR C 63 -9.03 10.09 16.27
N GLY C 64 -9.65 9.93 15.10
CA GLY C 64 -9.17 10.64 13.89
C GLY C 64 -7.83 10.10 13.45
N MET C 65 -7.53 8.83 13.76
CA MET C 65 -6.19 8.28 13.42
C MET C 65 -6.26 7.58 12.07
N ALA C 66 -5.20 6.84 11.69
CA ALA C 66 -5.24 6.06 10.44
C ALA C 66 -6.34 5.00 10.62
N PRO C 67 -7.13 4.66 9.57
CA PRO C 67 -8.25 3.75 9.77
C PRO C 67 -7.81 2.38 10.31
N TYR C 68 -6.77 1.78 9.74
CA TYR C 68 -6.34 0.42 10.18
C TYR C 68 -4.83 0.40 10.39
N ALA C 69 -4.36 0.74 11.59
CA ALA C 69 -2.89 0.82 11.79
C ALA C 69 -2.49 0.45 13.21
N ILE C 70 -1.37 -0.24 13.37
CA ILE C 70 -0.84 -0.59 14.72
C ILE C 70 -0.22 0.68 15.30
N TYR C 71 -0.46 0.98 16.58
CA TYR C 71 0.04 2.25 17.16
C TYR C 71 0.80 1.99 18.47
N VAL C 72 2.07 1.58 18.38
CA VAL C 72 2.90 1.34 19.59
C VAL C 72 3.00 2.63 20.37
N ALA C 73 2.77 2.62 21.68
CA ALA C 73 3.08 3.85 22.45
C ALA C 73 3.88 3.50 23.69
N HIS C 74 4.96 4.24 23.95
CA HIS C 74 5.74 3.99 25.19
C HIS C 74 6.08 5.30 25.88
N TYR C 75 6.83 5.21 26.99
CA TYR C 75 7.25 6.40 27.76
C TYR C 75 8.67 6.78 27.37
N HIS C 76 8.85 7.90 26.70
CA HIS C 76 10.22 8.38 26.36
C HIS C 76 10.77 9.20 27.53
N LYS C 77 12.00 8.91 27.96
CA LYS C 77 12.64 9.65 29.10
C LYS C 77 13.13 11.01 28.60
N MET C 78 13.51 11.91 29.51
CA MET C 78 13.96 13.27 29.11
C MET C 78 15.37 13.17 28.53
N GLY C 79 15.73 14.07 27.60
CA GLY C 79 17.05 14.04 26.96
C GLY C 79 17.01 14.65 25.57
N SER C 142 12.33 16.34 21.32
CA SER C 142 13.54 15.82 22.01
C SER C 142 13.74 14.34 21.65
N ASP C 143 14.95 13.83 21.84
CA ASP C 143 15.23 12.38 21.57
C ASP C 143 14.91 11.58 22.84
N GLY C 144 15.94 11.17 23.59
CA GLY C 144 15.70 10.45 24.85
C GLY C 144 15.50 8.97 24.63
N PRO C 145 15.86 8.08 25.59
CA PRO C 145 15.57 6.65 25.43
C PRO C 145 14.11 6.41 25.79
N ALA C 146 13.59 5.21 25.52
CA ALA C 146 12.21 4.89 25.93
C ALA C 146 12.24 3.70 26.89
N ILE C 147 11.59 3.81 28.04
CA ILE C 147 11.50 2.62 28.94
C ILE C 147 10.62 1.61 28.20
N MET C 148 11.22 0.73 27.41
CA MET C 148 10.47 -0.22 26.54
C MET C 148 9.66 -1.21 27.38
N GLU C 149 9.80 -1.17 28.70
CA GLU C 149 8.96 -2.05 29.56
C GLU C 149 7.64 -1.31 29.80
N SER C 150 7.18 -0.58 28.78
CA SER C 150 5.93 0.21 28.89
C SER C 150 5.24 0.24 27.52
N ARG C 151 5.76 -0.54 26.56
CA ARG C 151 5.18 -0.55 25.20
C ARG C 151 3.72 -0.97 25.24
N MET C 152 2.82 -0.06 24.85
CA MET C 152 1.38 -0.39 24.78
C MET C 152 1.04 -0.58 23.30
N ILE C 153 0.64 -1.78 22.87
CA ILE C 153 0.40 -1.97 21.41
C ILE C 153 -1.11 -2.13 21.17
N ALA C 154 -1.63 -1.65 20.03
CA ALA C 154 -3.05 -1.84 19.65
C ALA C 154 -3.24 -1.49 18.18
N GLN C 155 -4.35 -1.92 17.58
CA GLN C 155 -4.64 -1.58 16.17
C GLN C 155 -5.89 -0.73 16.13
N ALA C 156 -6.14 -0.02 15.05
CA ALA C 156 -7.30 0.90 15.01
C ALA C 156 -8.50 0.19 14.40
N SER C 157 -9.68 0.83 14.41
CA SER C 157 -10.93 0.17 13.94
C SER C 157 -11.21 0.49 12.48
N ALA C 158 -12.39 0.94 12.12
CA ALA C 158 -12.59 1.33 10.70
C ALA C 158 -12.84 2.83 10.62
N ASP C 159 -12.69 3.53 11.75
CA ASP C 159 -12.88 5.01 11.77
C ASP C 159 -11.60 5.62 12.31
N GLY C 160 -10.77 4.80 12.95
CA GLY C 160 -9.48 5.31 13.44
C GLY C 160 -9.54 5.56 14.93
N LYS C 161 -9.86 4.54 15.70
CA LYS C 161 -9.96 4.68 17.17
C LYS C 161 -9.07 3.64 17.84
N VAL C 162 -7.92 4.07 18.35
CA VAL C 162 -6.98 3.14 19.06
C VAL C 162 -7.15 3.35 20.57
N THR C 163 -7.13 2.25 21.35
CA THR C 163 -7.24 2.37 22.83
C THR C 163 -6.05 1.67 23.47
N LEU C 164 -4.96 2.41 23.69
CA LEU C 164 -3.73 1.81 24.28
C LEU C 164 -3.92 1.61 25.79
N THR C 165 -3.51 0.45 26.30
CA THR C 165 -3.65 0.18 27.75
C THR C 165 -2.38 -0.55 28.20
N GLY C 166 -1.82 -0.21 29.37
CA GLY C 166 -0.54 -0.83 29.78
C GLY C 166 -0.31 -0.82 31.28
N ILE C 167 0.37 -1.83 31.82
CA ILE C 167 0.67 -1.90 33.28
C ILE C 167 2.19 -1.80 33.46
N VAL C 168 2.67 -0.77 34.18
CA VAL C 168 4.14 -0.55 34.33
C VAL C 168 4.47 -0.26 35.80
N PRO C 169 5.48 -0.88 36.44
CA PRO C 169 5.84 -0.50 37.80
C PRO C 169 6.20 0.99 37.85
N THR C 170 5.84 1.69 38.94
CA THR C 170 6.10 3.15 39.08
C THR C 170 7.60 3.41 39.06
N ALA C 171 8.37 2.57 39.77
CA ALA C 171 9.84 2.72 39.87
C ALA C 171 10.44 2.68 38.46
N LEU C 172 9.84 1.90 37.57
CA LEU C 172 10.32 1.85 36.17
C LEU C 172 10.08 3.22 35.54
N ILE C 173 8.82 3.69 35.52
CA ILE C 173 8.48 4.97 34.84
C ILE C 173 8.99 6.19 35.62
N ARG C 174 9.80 5.99 36.67
CA ARG C 174 10.38 7.19 37.33
C ARG C 174 11.34 7.84 36.34
N ASP C 175 11.33 9.18 36.25
CA ASP C 175 12.23 9.92 35.33
C ASP C 175 11.78 9.75 33.87
N ALA C 176 10.47 9.66 33.62
CA ALA C 176 9.96 9.61 32.23
C ALA C 176 9.47 11.03 31.94
N ALA C 177 9.43 11.45 30.67
CA ALA C 177 9.08 12.87 30.41
C ALA C 177 7.83 13.00 29.52
N TYR C 178 7.75 12.24 28.43
CA TYR C 178 6.63 12.40 27.49
C TYR C 178 6.16 11.04 27.00
N ILE C 179 4.84 10.78 27.07
CA ILE C 179 4.31 9.52 26.48
C ILE C 179 4.23 9.76 24.97
N ASN C 180 5.09 9.10 24.20
CA ASN C 180 5.13 9.33 22.74
C ASN C 180 4.40 8.18 22.03
N VAL C 181 3.34 8.50 21.28
CA VAL C 181 2.65 7.44 20.49
C VAL C 181 3.38 7.38 19.15
N HIS C 182 3.61 6.17 18.62
CA HIS C 182 4.30 6.02 17.31
C HIS C 182 3.47 5.11 16.41
N HIS C 183 3.98 4.76 15.24
CA HIS C 183 3.26 3.79 14.36
C HIS C 183 3.97 2.45 14.49
N GLY C 184 3.22 1.35 14.36
CA GLY C 184 3.81 0.01 14.54
C GLY C 184 3.97 -0.72 13.21
N ARG C 185 5.20 -1.08 12.86
CA ARG C 185 5.46 -1.84 11.61
C ARG C 185 4.91 -3.26 11.79
N ASP C 186 4.90 -3.75 13.03
CA ASP C 186 4.43 -5.13 13.31
C ASP C 186 3.68 -5.16 14.66
N PHE C 187 2.86 -6.18 14.90
CA PHE C 187 2.14 -6.32 16.18
C PHE C 187 3.16 -6.64 17.26
N SER C 188 4.39 -6.97 16.86
CA SER C 188 5.48 -7.23 17.84
C SER C 188 6.07 -5.90 18.30
N GLY C 189 5.63 -4.80 17.69
CA GLY C 189 6.15 -3.47 18.07
C GLY C 189 6.72 -2.72 16.88
N ALA C 190 7.98 -2.29 16.95
CA ALA C 190 8.68 -1.57 15.85
C ALA C 190 8.15 -0.13 15.71
N LEU C 191 9.06 0.83 15.46
CA LEU C 191 8.64 2.26 15.39
C LEU C 191 8.65 2.73 13.94
N ALA C 192 7.65 2.35 13.15
CA ALA C 192 7.54 2.82 11.74
C ALA C 192 7.73 4.34 11.74
N ASP C 193 6.85 5.04 12.45
CA ASP C 193 6.96 6.52 12.55
C ASP C 193 7.63 6.85 13.89
N SER C 194 8.16 8.06 14.02
CA SER C 194 8.87 8.45 15.26
C SER C 194 8.09 9.55 16.01
N GLY C 195 6.82 9.31 16.32
CA GLY C 195 6.06 10.28 17.11
C GLY C 195 4.91 10.91 16.35
N VAL C 196 3.87 10.32 16.03
CA VAL C 196 2.73 10.97 15.32
C VAL C 196 1.96 11.84 16.31
N ILE C 197 2.09 11.47 17.67
CA ILE C 197 1.44 12.35 18.67
C ILE C 197 2.16 12.13 20.02
N CYS C 198 2.33 13.18 20.82
CA CYS C 198 3.08 13.05 22.10
C CYS C 198 2.46 13.95 23.17
N THR C 199 2.38 13.46 24.41
CA THR C 199 1.81 14.27 25.52
C THR C 199 2.84 14.48 26.64
N PRO C 200 3.12 15.71 27.15
CA PRO C 200 4.02 15.89 28.29
C PRO C 200 3.46 15.28 29.58
N ILE C 201 4.24 14.43 30.25
CA ILE C 201 3.78 13.73 31.49
C ILE C 201 4.42 14.40 32.71
CU CU D . 14.84 -6.77 -16.12
CU CU E . -21.76 5.78 -6.61
CU CU F . 8.20 6.60 21.74
#